data_2FWO
#
_entry.id   2FWO
#
_cell.length_a   117.200
_cell.length_b   85.300
_cell.length_c   42.600
_cell.angle_alpha   90.00
_cell.angle_beta   90.00
_cell.angle_gamma   90.00
#
_symmetry.space_group_name_H-M   'P 21 21 21'
#
loop_
_entity.id
_entity.type
_entity.pdbx_description
1 polymer 'H-2 class I histocompatibility antigen, K-D alpha chain'
2 polymer Beta-2-microglobulin
3 polymer 'TYQRTRALV peptide from Nucleoprotein'
4 water water
#
loop_
_entity_poly.entity_id
_entity_poly.type
_entity_poly.pdbx_seq_one_letter_code
_entity_poly.pdbx_strand_id
1 'polypeptide(L)'
;GPHSLRYFVTAVSRPGLGEPRFIAVGYVDDTQFVRFDSDADNPRFEPRAPWMEQEGPEYWEEQTQRAKSDEQWFRVSLRT
AQRYYNQSKGGSHTFQRMFGCDVGSDWRLLRGYQQFAYDGRDYIALNEDLKTWTAADTAALITRRKWEQAGDAEYYRAYL
EGECVEWLRRYLELGNETLLRTDSPKAHVTYHPRSQVDVTLRCWALGFYPADITLTWQLNGEDLTQDMELVETRPAGDGT
FQKWAAVVVPLGKEQNYTCHVHHKGLPEPLTLRWKLPPSTVSN
;
A
2 'polypeptide(L)'
;MIQKTPQIQVYSRHPPENGKPNILNCYVTQFHPPHIEIQMLKNGKKIPKVEMSDMSFSKDWSFYILAHTEFTPTETDTYA
CRVKHDSMAEPKTVYWDRDM
;
B
3 'polypeptide(L)' TYQRTRALV P
#
# COMPACT_ATOMS: atom_id res chain seq x y z
N GLY A 1 -14.63 -15.63 -7.44
CA GLY A 1 -13.62 -14.61 -7.11
C GLY A 1 -13.74 -13.43 -8.07
N PRO A 2 -12.63 -12.94 -8.62
CA PRO A 2 -11.26 -13.42 -8.39
C PRO A 2 -10.70 -12.84 -7.10
N HIS A 3 -9.75 -13.54 -6.48
CA HIS A 3 -9.15 -13.08 -5.23
C HIS A 3 -7.64 -13.23 -5.21
N SER A 4 -7.00 -12.64 -4.21
CA SER A 4 -5.55 -12.73 -4.14
C SER A 4 -5.01 -12.65 -2.72
N LEU A 5 -3.84 -13.27 -2.53
CA LEU A 5 -3.17 -13.29 -1.23
C LEU A 5 -1.75 -12.76 -1.42
N ARG A 6 -1.40 -11.71 -0.69
CA ARG A 6 -0.08 -11.09 -0.80
C ARG A 6 0.66 -10.79 0.50
N TYR A 7 1.98 -10.89 0.42
CA TYR A 7 2.84 -10.59 1.56
C TYR A 7 3.93 -9.66 1.10
N PHE A 8 4.02 -8.53 1.77
CA PHE A 8 5.05 -7.55 1.43
C PHE A 8 6.06 -7.50 2.57
N VAL A 9 7.21 -8.11 2.33
CA VAL A 9 8.26 -8.18 3.33
C VAL A 9 9.34 -7.17 3.07
N THR A 10 9.72 -6.42 4.10
CA THR A 10 10.77 -5.43 3.95
C THR A 10 11.89 -5.65 4.96
N ALA A 11 13.11 -5.39 4.52
CA ALA A 11 14.30 -5.55 5.35
C ALA A 11 15.30 -4.46 5.03
N VAL A 12 15.60 -3.63 6.02
CA VAL A 12 16.52 -2.52 5.84
C VAL A 12 17.65 -2.56 6.85
N SER A 13 18.89 -2.45 6.37
CA SER A 13 20.04 -2.47 7.26
C SER A 13 20.20 -1.17 8.01
N ARG A 14 20.75 -1.27 9.21
CA ARG A 14 20.99 -0.11 10.06
C ARG A 14 22.44 -0.12 10.47
N PRO A 15 23.30 0.57 9.70
CA PRO A 15 24.72 0.59 10.04
C PRO A 15 24.91 1.27 11.40
N GLY A 16 25.41 0.53 12.39
CA GLY A 16 25.63 1.13 13.70
C GLY A 16 24.39 1.53 14.48
N LEU A 17 23.33 0.75 14.32
CA LEU A 17 22.07 0.97 15.01
C LEU A 17 21.56 -0.40 15.43
N GLY A 18 22.41 -1.40 15.31
CA GLY A 18 22.03 -2.75 15.67
C GLY A 18 21.58 -3.49 14.42
N GLU A 19 20.92 -4.63 14.62
CA GLU A 19 20.43 -5.42 13.50
C GLU A 19 19.37 -4.65 12.70
N PRO A 20 19.10 -5.09 11.46
CA PRO A 20 18.13 -4.50 10.54
C PRO A 20 16.65 -4.70 10.88
N ARG A 21 15.82 -3.78 10.42
CA ARG A 21 14.42 -3.88 10.67
C ARG A 21 13.72 -4.76 9.62
N PHE A 22 13.02 -5.78 10.11
CA PHE A 22 12.31 -6.73 9.27
C PHE A 22 10.79 -6.58 9.46
N ILE A 23 10.11 -6.18 8.39
CA ILE A 23 8.67 -6.01 8.42
C ILE A 23 8.00 -6.89 7.36
N ALA A 24 6.87 -7.46 7.75
CA ALA A 24 6.11 -8.32 6.86
C ALA A 24 4.62 -8.05 7.06
N VAL A 25 3.95 -7.72 5.96
CA VAL A 25 2.53 -7.42 5.95
C VAL A 25 1.81 -8.36 4.98
N GLY A 26 0.73 -8.98 5.41
CA GLY A 26 0.00 -9.87 4.53
C GLY A 26 -1.37 -9.35 4.12
N TYR A 27 -1.73 -9.46 2.84
CA TYR A 27 -3.04 -8.98 2.39
C TYR A 27 -3.88 -10.00 1.63
N VAL A 28 -5.19 -9.76 1.64
CA VAL A 28 -6.18 -10.55 0.91
C VAL A 28 -7.02 -9.50 0.20
N ASP A 29 -6.97 -9.49 -1.13
CA ASP A 29 -7.67 -8.45 -1.90
C ASP A 29 -6.99 -7.14 -1.44
N ASP A 30 -7.80 -6.15 -1.08
CA ASP A 30 -7.28 -4.85 -0.62
C ASP A 30 -7.41 -4.69 0.89
N THR A 31 -7.46 -5.80 1.61
CA THR A 31 -7.58 -5.76 3.07
C THR A 31 -6.35 -6.36 3.74
N GLN A 32 -5.83 -5.69 4.76
CA GLN A 32 -4.65 -6.20 5.48
C GLN A 32 -5.11 -7.15 6.59
N PHE A 33 -4.43 -8.28 6.76
CA PHE A 33 -4.85 -9.21 7.80
C PHE A 33 -3.76 -9.72 8.72
N VAL A 34 -2.49 -9.50 8.35
CA VAL A 34 -1.39 -9.96 9.22
C VAL A 34 -0.14 -9.10 9.13
N ARG A 35 0.68 -9.13 10.19
CA ARG A 35 1.90 -8.34 10.19
C ARG A 35 2.98 -8.86 11.17
N PHE A 36 4.23 -8.53 10.85
CA PHE A 36 5.37 -8.89 11.68
C PHE A 36 6.36 -7.74 11.63
N ASP A 37 6.79 -7.27 12.78
CA ASP A 37 7.71 -6.14 12.84
C ASP A 37 8.80 -6.36 13.86
N SER A 38 10.04 -6.56 13.39
CA SER A 38 11.18 -6.79 14.27
C SER A 38 11.32 -5.73 15.37
N ASP A 39 10.89 -4.51 15.07
CA ASP A 39 10.96 -3.40 16.02
C ASP A 39 9.83 -3.38 17.03
N ALA A 40 8.98 -4.40 16.97
CA ALA A 40 7.87 -4.49 17.90
C ALA A 40 8.41 -5.13 19.18
N ASP A 41 7.62 -5.15 20.24
CA ASP A 41 8.05 -5.78 21.48
C ASP A 41 7.55 -7.21 21.42
N ASN A 42 8.49 -8.15 21.43
CA ASN A 42 8.20 -9.56 21.33
C ASN A 42 7.66 -9.82 19.94
N PRO A 43 8.53 -9.69 18.93
CA PRO A 43 8.16 -9.89 17.54
C PRO A 43 7.44 -11.21 17.36
N ARG A 44 6.41 -11.18 16.52
CA ARG A 44 5.62 -12.36 16.25
C ARG A 44 4.50 -11.93 15.34
N PHE A 45 4.02 -12.83 14.49
CA PHE A 45 2.94 -12.44 13.63
C PHE A 45 1.71 -12.18 14.48
N GLU A 46 0.92 -11.19 14.07
CA GLU A 46 -0.28 -10.83 14.80
C GLU A 46 -1.39 -10.54 13.82
N PRO A 47 -2.65 -10.71 14.26
CA PRO A 47 -3.75 -10.44 13.35
C PRO A 47 -3.96 -8.92 13.29
N ARG A 48 -4.51 -8.44 12.20
CA ARG A 48 -4.77 -7.01 12.07
C ARG A 48 -6.24 -6.86 11.69
N ALA A 49 -6.84 -7.99 11.33
CA ALA A 49 -8.24 -8.05 10.97
C ALA A 49 -8.93 -8.71 12.15
N PRO A 50 -10.21 -8.38 12.36
CA PRO A 50 -10.90 -9.01 13.50
C PRO A 50 -11.00 -10.51 13.26
N TRP A 51 -11.39 -10.85 12.03
CA TRP A 51 -11.58 -12.23 11.64
C TRP A 51 -10.34 -13.12 11.64
N MET A 52 -9.16 -12.55 11.87
CA MET A 52 -7.98 -13.39 11.91
C MET A 52 -7.76 -13.97 13.29
N GLU A 53 -8.25 -13.25 14.29
CA GLU A 53 -8.12 -13.70 15.67
C GLU A 53 -8.89 -14.99 15.88
N GLN A 54 -9.62 -15.41 14.86
CA GLN A 54 -10.42 -16.62 14.92
C GLN A 54 -9.50 -17.82 14.69
N GLU A 55 -8.19 -17.59 14.75
CA GLU A 55 -7.22 -18.65 14.50
C GLU A 55 -6.46 -19.09 15.74
N GLY A 56 -6.24 -20.40 15.83
CA GLY A 56 -5.50 -20.96 16.94
C GLY A 56 -4.04 -20.54 17.07
N PRO A 57 -3.45 -20.78 18.24
CA PRO A 57 -2.05 -20.44 18.53
C PRO A 57 -1.06 -21.09 17.58
N GLU A 58 -1.30 -22.36 17.27
CA GLU A 58 -0.41 -23.09 16.37
C GLU A 58 -0.25 -22.35 15.06
N TYR A 59 -1.34 -21.78 14.55
CA TYR A 59 -1.25 -21.02 13.31
C TYR A 59 -0.21 -19.91 13.55
N TRP A 60 -0.43 -19.19 14.65
CA TRP A 60 0.45 -18.12 15.02
C TRP A 60 1.86 -18.55 15.33
N GLU A 61 2.01 -19.65 16.07
CA GLU A 61 3.35 -20.14 16.34
C GLU A 61 4.08 -20.21 15.00
N GLU A 62 3.73 -21.22 14.20
CA GLU A 62 4.33 -21.46 12.90
C GLU A 62 4.65 -20.21 12.09
N GLN A 63 3.65 -19.34 11.92
CA GLN A 63 3.86 -18.11 11.16
C GLN A 63 5.05 -17.33 11.71
N THR A 64 5.08 -17.15 13.03
CA THR A 64 6.16 -16.42 13.70
C THR A 64 7.50 -17.06 13.43
N GLN A 65 7.57 -18.37 13.59
CA GLN A 65 8.81 -19.11 13.36
C GLN A 65 9.41 -18.81 11.99
N ARG A 66 8.56 -18.72 10.97
CA ARG A 66 9.02 -18.43 9.61
C ARG A 66 9.53 -17.02 9.49
N ALA A 67 8.76 -16.08 10.04
CA ALA A 67 9.14 -14.69 10.03
C ALA A 67 10.52 -14.57 10.70
N LYS A 68 10.71 -15.30 11.80
CA LYS A 68 11.97 -15.27 12.52
C LYS A 68 13.11 -15.83 11.68
N SER A 69 12.78 -16.81 10.85
CA SER A 69 13.75 -17.45 9.97
C SER A 69 14.22 -16.45 8.93
N ASP A 70 13.24 -15.78 8.34
CA ASP A 70 13.52 -14.81 7.30
C ASP A 70 14.21 -13.58 7.85
N GLU A 71 14.13 -13.40 9.17
CA GLU A 71 14.80 -12.25 9.75
C GLU A 71 16.29 -12.52 9.69
N GLN A 72 16.68 -13.78 9.88
CA GLN A 72 18.08 -14.17 9.81
C GLN A 72 18.47 -14.18 8.34
N TRP A 73 17.61 -14.78 7.53
CA TRP A 73 17.84 -14.88 6.10
C TRP A 73 18.15 -13.53 5.49
N PHE A 74 17.48 -12.49 5.96
CA PHE A 74 17.70 -11.18 5.40
C PHE A 74 18.93 -10.47 5.93
N ARG A 75 19.27 -10.72 7.19
CA ARG A 75 20.45 -10.09 7.74
C ARG A 75 21.61 -10.50 6.83
N VAL A 76 21.73 -11.80 6.59
CA VAL A 76 22.82 -12.27 5.75
C VAL A 76 22.70 -11.81 4.30
N SER A 77 21.56 -12.06 3.67
CA SER A 77 21.38 -11.65 2.27
C SER A 77 21.73 -10.16 2.13
N LEU A 78 21.40 -9.35 3.14
CA LEU A 78 21.73 -7.93 3.06
C LEU A 78 23.23 -7.68 3.11
N ARG A 79 23.96 -8.51 3.85
CA ARG A 79 25.41 -8.35 3.95
C ARG A 79 26.02 -8.90 2.68
N THR A 80 25.39 -9.94 2.14
CA THR A 80 25.84 -10.57 0.92
C THR A 80 25.70 -9.60 -0.26
N ALA A 81 24.51 -9.01 -0.40
CA ALA A 81 24.28 -8.07 -1.48
C ALA A 81 25.22 -6.89 -1.34
N GLN A 82 25.53 -6.50 -0.10
CA GLN A 82 26.43 -5.38 0.11
C GLN A 82 27.77 -5.62 -0.56
N ARG A 83 28.27 -6.84 -0.45
CA ARG A 83 29.54 -7.18 -1.06
C ARG A 83 29.42 -7.23 -2.57
N TYR A 84 28.36 -7.88 -3.04
CA TYR A 84 28.10 -8.02 -4.47
C TYR A 84 28.24 -6.69 -5.18
N TYR A 85 27.81 -5.63 -4.52
CA TYR A 85 27.86 -4.30 -5.10
C TYR A 85 29.06 -3.49 -4.65
N ASN A 86 29.91 -4.10 -3.82
CA ASN A 86 31.11 -3.43 -3.35
C ASN A 86 30.78 -2.11 -2.63
N GLN A 87 29.64 -2.08 -1.95
CA GLN A 87 29.22 -0.90 -1.20
C GLN A 87 29.91 -0.94 0.15
N SER A 88 30.01 0.22 0.80
CA SER A 88 30.64 0.28 2.10
C SER A 88 29.76 -0.27 3.20
N LYS A 89 30.34 -0.54 4.36
CA LYS A 89 29.60 -1.10 5.48
C LYS A 89 28.86 -0.14 6.40
N GLY A 90 28.99 1.16 6.14
CA GLY A 90 28.30 2.13 6.97
C GLY A 90 27.04 2.69 6.35
N GLY A 91 26.60 2.07 5.27
CA GLY A 91 25.41 2.51 4.58
C GLY A 91 24.24 1.55 4.81
N SER A 92 23.04 2.09 4.84
CA SER A 92 21.85 1.27 5.03
C SER A 92 21.28 0.86 3.69
N HIS A 93 20.87 -0.40 3.60
CA HIS A 93 20.31 -0.85 2.34
C HIS A 93 18.99 -1.57 2.52
N THR A 94 18.13 -1.42 1.52
CA THR A 94 16.82 -2.03 1.57
C THR A 94 16.68 -3.22 0.65
N PHE A 95 16.16 -4.29 1.22
CA PHE A 95 15.88 -5.50 0.47
C PHE A 95 14.36 -5.73 0.58
N GLN A 96 13.68 -5.85 -0.54
CA GLN A 96 12.25 -6.09 -0.50
C GLN A 96 11.87 -7.44 -1.05
N ARG A 97 10.83 -8.02 -0.49
CA ARG A 97 10.36 -9.30 -0.95
C ARG A 97 8.86 -9.28 -1.13
N MET A 98 8.47 -9.78 -2.30
CA MET A 98 7.08 -9.88 -2.66
C MET A 98 6.79 -11.34 -3.03
N PHE A 99 5.60 -11.79 -2.64
CA PHE A 99 5.17 -13.14 -2.92
C PHE A 99 3.71 -13.22 -2.54
N GLY A 100 3.02 -14.16 -3.14
CA GLY A 100 1.61 -14.32 -2.87
C GLY A 100 1.03 -14.99 -4.07
N CYS A 101 -0.25 -14.82 -4.32
CA CYS A 101 -0.82 -15.51 -5.44
C CYS A 101 -2.20 -15.07 -5.84
N ASP A 102 -2.45 -15.10 -7.14
CA ASP A 102 -3.74 -14.72 -7.68
C ASP A 102 -4.50 -15.98 -8.03
N VAL A 103 -5.79 -15.99 -7.75
CA VAL A 103 -6.58 -17.15 -8.02
C VAL A 103 -7.84 -16.83 -8.81
N GLY A 104 -8.20 -17.76 -9.69
CA GLY A 104 -9.39 -17.57 -10.50
C GLY A 104 -10.62 -17.93 -9.68
N SER A 105 -11.80 -17.86 -10.31
CA SER A 105 -13.04 -18.17 -9.63
C SER A 105 -13.21 -19.67 -9.45
N ASP A 106 -12.31 -20.44 -10.06
CA ASP A 106 -12.35 -21.88 -9.95
C ASP A 106 -11.57 -22.25 -8.69
N TRP A 107 -11.07 -21.22 -8.03
CA TRP A 107 -10.28 -21.38 -6.82
C TRP A 107 -9.00 -22.13 -7.02
N ARG A 108 -8.44 -22.03 -8.23
CA ARG A 108 -7.18 -22.67 -8.53
C ARG A 108 -6.20 -21.55 -8.83
N LEU A 109 -4.92 -21.82 -8.62
CA LEU A 109 -3.89 -20.83 -8.87
C LEU A 109 -4.03 -20.32 -10.30
N LEU A 110 -3.85 -19.02 -10.48
CA LEU A 110 -3.95 -18.40 -11.79
C LEU A 110 -2.67 -17.66 -12.11
N ARG A 111 -2.03 -17.16 -11.06
CA ARG A 111 -0.80 -16.41 -11.21
C ARG A 111 -0.03 -16.41 -9.90
N GLY A 112 1.26 -16.72 -9.98
CA GLY A 112 2.09 -16.77 -8.79
C GLY A 112 3.15 -15.71 -8.78
N TYR A 113 3.46 -15.19 -7.60
CA TYR A 113 4.44 -14.14 -7.51
C TYR A 113 5.48 -14.36 -6.42
N GLN A 114 6.74 -14.27 -6.81
CA GLN A 114 7.86 -14.42 -5.88
C GLN A 114 8.94 -13.58 -6.53
N GLN A 115 9.15 -12.38 -6.00
CA GLN A 115 10.13 -11.45 -6.58
C GLN A 115 10.91 -10.67 -5.53
N PHE A 116 12.09 -10.20 -5.92
CA PHE A 116 12.94 -9.44 -5.00
C PHE A 116 13.48 -8.15 -5.58
N ALA A 117 13.80 -7.20 -4.71
CA ALA A 117 14.34 -5.92 -5.12
C ALA A 117 15.35 -5.41 -4.09
N TYR A 118 16.46 -4.86 -4.58
CA TYR A 118 17.49 -4.33 -3.70
C TYR A 118 17.61 -2.84 -3.93
N ASP A 119 17.64 -2.09 -2.84
CA ASP A 119 17.74 -0.63 -2.89
C ASP A 119 16.68 0.00 -3.79
N GLY A 120 15.48 -0.58 -3.76
CA GLY A 120 14.37 -0.07 -4.56
C GLY A 120 14.35 -0.49 -6.03
N ARG A 121 15.26 -1.37 -6.42
CA ARG A 121 15.31 -1.80 -7.80
C ARG A 121 15.21 -3.31 -7.98
N ASP A 122 14.42 -3.73 -8.98
CA ASP A 122 14.26 -5.16 -9.27
C ASP A 122 15.60 -5.87 -9.17
N TYR A 123 15.59 -7.02 -8.49
CA TYR A 123 16.79 -7.79 -8.28
C TYR A 123 16.72 -9.15 -8.97
N ILE A 124 15.77 -9.98 -8.55
CA ILE A 124 15.59 -11.30 -9.15
C ILE A 124 14.11 -11.60 -9.06
N ALA A 125 13.56 -12.20 -10.10
CA ALA A 125 12.13 -12.52 -10.08
C ALA A 125 11.77 -13.79 -10.82
N LEU A 126 10.93 -14.58 -10.19
CA LEU A 126 10.45 -15.81 -10.77
C LEU A 126 9.65 -15.37 -12.00
N ASN A 127 9.59 -16.23 -13.02
CA ASN A 127 8.83 -15.89 -14.21
C ASN A 127 7.46 -16.52 -14.09
N GLU A 128 6.62 -16.32 -15.10
CA GLU A 128 5.26 -16.86 -15.11
C GLU A 128 5.22 -18.40 -15.10
N ASP A 129 6.17 -19.02 -15.80
CA ASP A 129 6.28 -20.47 -15.92
C ASP A 129 6.57 -21.11 -14.56
N LEU A 130 6.99 -20.28 -13.62
CA LEU A 130 7.30 -20.71 -12.25
C LEU A 130 8.44 -21.70 -12.18
N LYS A 131 9.27 -21.72 -13.23
CA LYS A 131 10.41 -22.65 -13.27
C LYS A 131 11.70 -21.94 -13.60
N THR A 132 11.58 -20.68 -14.00
CA THR A 132 12.76 -19.91 -14.36
C THR A 132 12.90 -18.67 -13.48
N TRP A 133 14.06 -18.04 -13.55
CA TRP A 133 14.32 -16.83 -12.80
C TRP A 133 14.80 -15.71 -13.70
N THR A 134 14.41 -14.49 -13.36
CA THR A 134 14.82 -13.33 -14.12
C THR A 134 15.67 -12.43 -13.23
N ALA A 135 16.99 -12.48 -13.44
CA ALA A 135 17.93 -11.69 -12.66
C ALA A 135 18.10 -10.32 -13.30
N ALA A 136 18.02 -9.27 -12.48
CA ALA A 136 18.15 -7.90 -12.96
C ALA A 136 19.55 -7.46 -13.36
N ASP A 137 20.59 -8.13 -12.84
CA ASP A 137 21.95 -7.75 -13.21
C ASP A 137 22.97 -8.86 -13.00
N THR A 138 24.25 -8.57 -13.23
CA THR A 138 25.28 -9.61 -13.08
C THR A 138 25.37 -10.11 -11.65
N ALA A 139 25.09 -9.24 -10.69
CA ALA A 139 25.14 -9.61 -9.28
C ALA A 139 23.99 -10.58 -8.98
N ALA A 140 22.81 -10.29 -9.52
CA ALA A 140 21.67 -11.14 -9.31
C ALA A 140 21.86 -12.45 -10.07
N LEU A 141 22.81 -12.47 -10.99
CA LEU A 141 23.08 -13.67 -11.78
C LEU A 141 23.72 -14.77 -10.94
N ILE A 142 24.53 -14.39 -9.96
CA ILE A 142 25.16 -15.39 -9.12
C ILE A 142 24.15 -15.91 -8.13
N THR A 143 23.07 -15.14 -7.95
CA THR A 143 22.01 -15.55 -7.05
C THR A 143 21.10 -16.55 -7.75
N ARG A 144 20.94 -16.41 -9.05
CA ARG A 144 20.09 -17.33 -9.82
C ARG A 144 20.76 -18.68 -9.93
N ARG A 145 22.08 -18.68 -10.11
CA ARG A 145 22.84 -19.90 -10.20
C ARG A 145 22.63 -20.67 -8.90
N LYS A 146 22.75 -19.97 -7.79
CA LYS A 146 22.57 -20.60 -6.49
C LYS A 146 21.17 -21.18 -6.34
N TRP A 147 20.16 -20.34 -6.53
CA TRP A 147 18.77 -20.77 -6.37
C TRP A 147 18.31 -21.88 -7.30
N GLU A 148 18.99 -22.05 -8.42
CA GLU A 148 18.62 -23.09 -9.36
C GLU A 148 19.31 -24.37 -8.94
N GLN A 149 20.49 -24.19 -8.35
CA GLN A 149 21.32 -25.29 -7.87
C GLN A 149 20.61 -25.99 -6.74
N ALA A 150 19.80 -25.22 -6.00
CA ALA A 150 19.05 -25.74 -4.87
C ALA A 150 17.62 -26.08 -5.28
N GLY A 151 17.26 -25.79 -6.54
CA GLY A 151 15.91 -26.09 -7.00
C GLY A 151 14.83 -25.37 -6.23
N ASP A 152 15.14 -24.17 -5.74
CA ASP A 152 14.20 -23.37 -4.97
C ASP A 152 12.93 -23.12 -5.74
N ALA A 153 13.06 -22.86 -7.04
CA ALA A 153 11.89 -22.60 -7.88
C ALA A 153 10.81 -23.62 -7.58
N GLU A 154 11.18 -24.89 -7.71
CA GLU A 154 10.27 -25.99 -7.46
C GLU A 154 9.41 -25.75 -6.22
N TYR A 155 10.08 -25.59 -5.08
CA TYR A 155 9.40 -25.37 -3.81
C TYR A 155 8.43 -24.20 -3.85
N TYR A 156 8.89 -23.07 -4.36
CA TYR A 156 8.01 -21.92 -4.42
C TYR A 156 6.84 -22.26 -5.34
N ARG A 157 7.16 -22.81 -6.50
CA ARG A 157 6.15 -23.20 -7.48
C ARG A 157 5.15 -24.12 -6.81
N ALA A 158 5.63 -24.87 -5.83
CA ALA A 158 4.79 -25.79 -5.09
C ALA A 158 3.94 -25.04 -4.08
N TYR A 159 4.55 -24.05 -3.42
CA TYR A 159 3.86 -23.23 -2.43
C TYR A 159 2.64 -22.53 -3.02
N LEU A 160 2.87 -21.83 -4.13
CA LEU A 160 1.80 -21.09 -4.78
C LEU A 160 0.65 -22.01 -5.19
N GLU A 161 1.00 -23.15 -5.80
CA GLU A 161 0.00 -24.11 -6.23
C GLU A 161 -0.84 -24.66 -5.07
N GLY A 162 -0.21 -24.93 -3.94
CA GLY A 162 -0.95 -25.45 -2.81
C GLY A 162 -1.25 -24.48 -1.67
N GLU A 163 -0.29 -24.32 -0.77
CA GLU A 163 -0.44 -23.44 0.39
C GLU A 163 -1.21 -22.11 0.23
N CYS A 164 -0.56 -21.07 -0.29
CA CYS A 164 -1.22 -19.76 -0.42
C CYS A 164 -2.71 -19.88 -0.78
N VAL A 165 -3.00 -20.74 -1.75
CA VAL A 165 -4.37 -20.96 -2.23
C VAL A 165 -5.26 -21.64 -1.19
N GLU A 166 -4.83 -22.80 -0.73
CA GLU A 166 -5.59 -23.53 0.28
C GLU A 166 -5.90 -22.55 1.41
N TRP A 167 -4.87 -21.81 1.85
CA TRP A 167 -5.05 -20.84 2.93
C TRP A 167 -5.89 -19.65 2.51
N LEU A 168 -5.77 -19.24 1.25
CA LEU A 168 -6.54 -18.12 0.76
C LEU A 168 -8.02 -18.49 0.90
N ARG A 169 -8.39 -19.67 0.40
CA ARG A 169 -9.76 -20.12 0.49
C ARG A 169 -10.23 -20.02 1.93
N ARG A 170 -9.36 -20.41 2.85
CA ARG A 170 -9.71 -20.36 4.26
C ARG A 170 -9.88 -18.93 4.77
N TYR A 171 -8.87 -18.08 4.57
CA TYR A 171 -8.97 -16.70 5.02
C TYR A 171 -10.26 -16.06 4.51
N LEU A 172 -10.61 -16.40 3.28
CA LEU A 172 -11.83 -15.88 2.64
C LEU A 172 -13.08 -16.28 3.40
N GLU A 173 -13.11 -17.51 3.91
CA GLU A 173 -14.30 -17.93 4.64
C GLU A 173 -14.35 -17.19 5.98
N LEU A 174 -13.25 -17.27 6.73
CA LEU A 174 -13.18 -16.62 8.02
C LEU A 174 -13.57 -15.14 7.91
N GLY A 175 -13.10 -14.47 6.87
CA GLY A 175 -13.42 -13.07 6.70
C GLY A 175 -14.35 -12.80 5.53
N ASN A 176 -15.41 -13.61 5.42
CA ASN A 176 -16.37 -13.49 4.33
C ASN A 176 -17.28 -12.26 4.38
N GLU A 177 -17.72 -11.88 5.58
CA GLU A 177 -18.61 -10.73 5.73
C GLU A 177 -17.93 -9.41 5.43
N THR A 178 -16.61 -9.43 5.33
CA THR A 178 -15.87 -8.21 5.05
C THR A 178 -14.98 -8.35 3.82
N LEU A 179 -14.71 -9.59 3.41
CA LEU A 179 -13.88 -9.81 2.23
C LEU A 179 -14.74 -9.97 0.97
N LEU A 180 -15.94 -10.49 1.14
CA LEU A 180 -16.85 -10.71 0.03
C LEU A 180 -17.69 -9.48 -0.25
N ARG A 181 -17.80 -8.61 0.74
CA ARG A 181 -18.59 -7.40 0.56
C ARG A 181 -18.07 -6.54 -0.59
N THR A 182 -18.88 -5.58 -0.96
CA THR A 182 -18.57 -4.64 -2.01
C THR A 182 -19.34 -3.39 -1.66
N ASP A 183 -18.60 -2.35 -1.29
CA ASP A 183 -19.22 -1.08 -0.94
C ASP A 183 -19.12 -0.18 -2.14
N SER A 184 -20.28 0.26 -2.62
CA SER A 184 -20.32 1.12 -3.78
C SER A 184 -19.79 2.49 -3.39
N PRO A 185 -19.27 3.24 -4.37
CA PRO A 185 -18.74 4.56 -4.07
C PRO A 185 -19.85 5.60 -4.03
N LYS A 186 -19.72 6.58 -3.13
CA LYS A 186 -20.72 7.63 -3.03
C LYS A 186 -20.12 8.89 -3.66
N ALA A 187 -20.64 9.27 -4.82
CA ALA A 187 -20.08 10.41 -5.54
C ALA A 187 -20.87 11.71 -5.61
N HIS A 188 -20.13 12.81 -5.66
CA HIS A 188 -20.73 14.14 -5.78
C HIS A 188 -19.66 15.10 -6.33
N VAL A 189 -20.12 16.23 -6.87
CA VAL A 189 -19.22 17.22 -7.46
C VAL A 189 -19.23 18.56 -6.72
N THR A 190 -18.10 18.92 -6.14
CA THR A 190 -18.00 20.17 -5.42
C THR A 190 -17.60 21.29 -6.36
N TYR A 191 -18.17 22.47 -6.12
CA TYR A 191 -17.93 23.66 -6.92
C TYR A 191 -16.94 24.58 -6.19
N HIS A 192 -15.84 24.93 -6.85
CA HIS A 192 -14.82 25.78 -6.22
C HIS A 192 -14.43 26.94 -7.10
N PRO A 193 -15.01 28.11 -6.85
CA PRO A 193 -14.71 29.30 -7.65
C PRO A 193 -13.22 29.56 -7.72
N ARG A 194 -12.63 29.31 -8.87
CA ARG A 194 -11.20 29.52 -9.04
C ARG A 194 -10.95 31.01 -9.23
N SER A 195 -10.92 31.45 -10.49
CA SER A 195 -10.72 32.85 -10.83
C SER A 195 -12.05 33.53 -11.07
N GLN A 196 -12.07 34.52 -11.95
CA GLN A 196 -13.30 35.21 -12.25
C GLN A 196 -13.97 34.58 -13.47
N VAL A 197 -13.30 33.63 -14.09
CA VAL A 197 -13.87 32.95 -15.25
C VAL A 197 -13.84 31.43 -15.11
N ASP A 198 -12.98 30.93 -14.24
CA ASP A 198 -12.87 29.49 -14.02
C ASP A 198 -13.54 29.06 -12.73
N VAL A 199 -13.61 27.75 -12.57
CA VAL A 199 -14.16 27.09 -11.39
C VAL A 199 -13.57 25.68 -11.40
N THR A 200 -13.17 25.22 -10.22
CA THR A 200 -12.63 23.89 -10.10
C THR A 200 -13.75 22.96 -9.67
N LEU A 201 -14.14 22.04 -10.55
CA LEU A 201 -15.16 21.06 -10.23
C LEU A 201 -14.38 19.81 -9.82
N ARG A 202 -14.87 19.11 -8.81
CA ARG A 202 -14.20 17.90 -8.31
C ARG A 202 -15.23 16.85 -7.92
N CYS A 203 -15.18 15.68 -8.55
CA CYS A 203 -16.13 14.65 -8.14
C CYS A 203 -15.37 13.62 -7.33
N TRP A 204 -15.95 13.29 -6.18
CA TRP A 204 -15.36 12.37 -5.25
C TRP A 204 -16.02 11.02 -5.31
N ALA A 205 -15.27 10.02 -4.85
CA ALA A 205 -15.71 8.64 -4.78
C ALA A 205 -15.39 8.28 -3.33
N LEU A 206 -16.43 8.07 -2.55
CA LEU A 206 -16.24 7.74 -1.15
C LEU A 206 -16.85 6.42 -0.76
N GLY A 207 -16.30 5.85 0.32
CA GLY A 207 -16.77 4.60 0.88
C GLY A 207 -16.74 3.34 0.04
N PHE A 208 -15.94 3.32 -1.03
CA PHE A 208 -15.90 2.15 -1.87
C PHE A 208 -14.91 1.06 -1.47
N TYR A 209 -15.10 -0.12 -2.08
CA TYR A 209 -14.29 -1.34 -1.89
C TYR A 209 -14.76 -2.35 -2.96
N PRO A 210 -13.83 -3.01 -3.66
CA PRO A 210 -12.36 -2.97 -3.66
C PRO A 210 -11.74 -1.59 -3.92
N ALA A 211 -10.44 -1.49 -3.68
CA ALA A 211 -9.72 -0.25 -3.90
C ALA A 211 -9.78 0.18 -5.35
N ASP A 212 -9.81 -0.80 -6.24
CA ASP A 212 -9.87 -0.53 -7.67
C ASP A 212 -11.10 0.28 -8.04
N ILE A 213 -10.92 1.31 -8.86
CA ILE A 213 -12.02 2.18 -9.26
C ILE A 213 -11.67 3.08 -10.45
N THR A 214 -12.69 3.58 -11.15
CA THR A 214 -12.45 4.47 -12.27
C THR A 214 -13.19 5.80 -12.14
N LEU A 215 -12.43 6.88 -12.16
CA LEU A 215 -12.99 8.22 -12.06
C LEU A 215 -12.55 8.96 -13.29
N THR A 216 -13.49 9.55 -14.00
CA THR A 216 -13.11 10.29 -15.19
C THR A 216 -13.98 11.51 -15.42
N TRP A 217 -13.47 12.44 -16.23
CA TRP A 217 -14.18 13.64 -16.60
C TRP A 217 -14.28 13.63 -18.11
N GLN A 218 -15.36 14.17 -18.63
CA GLN A 218 -15.53 14.18 -20.06
C GLN A 218 -16.24 15.44 -20.47
N LEU A 219 -15.87 15.94 -21.63
CA LEU A 219 -16.47 17.15 -22.19
C LEU A 219 -17.02 16.77 -23.55
N ASN A 220 -18.34 16.63 -23.64
CA ASN A 220 -18.98 16.25 -24.90
C ASN A 220 -18.24 15.07 -25.52
N GLY A 221 -18.22 13.95 -24.80
CA GLY A 221 -17.54 12.76 -25.29
C GLY A 221 -16.04 12.77 -25.08
N GLU A 222 -15.48 13.98 -25.01
CA GLU A 222 -14.04 14.15 -24.82
C GLU A 222 -13.53 13.62 -23.48
N ASP A 223 -12.52 12.76 -23.53
CA ASP A 223 -11.96 12.21 -22.31
C ASP A 223 -10.79 13.10 -21.91
N LEU A 224 -10.88 13.67 -20.71
CA LEU A 224 -9.87 14.59 -20.24
C LEU A 224 -9.00 14.04 -19.13
N THR A 225 -8.92 12.72 -19.03
CA THR A 225 -8.11 12.09 -18.00
C THR A 225 -6.61 12.40 -18.04
N GLN A 226 -6.25 13.46 -18.76
CA GLN A 226 -4.85 13.84 -18.85
C GLN A 226 -4.77 15.28 -18.36
N ASP A 227 -5.90 15.96 -18.38
CA ASP A 227 -6.00 17.34 -17.94
C ASP A 227 -6.73 17.37 -16.61
N MET A 228 -6.89 16.19 -16.04
CA MET A 228 -7.55 16.05 -14.76
C MET A 228 -6.55 16.17 -13.63
N GLU A 229 -7.07 16.49 -12.47
CA GLU A 229 -6.30 16.60 -11.25
C GLU A 229 -6.80 15.36 -10.54
N LEU A 230 -6.04 14.27 -10.66
CA LEU A 230 -6.42 12.99 -10.07
C LEU A 230 -5.49 12.47 -8.99
N VAL A 231 -6.02 12.21 -7.81
CA VAL A 231 -5.19 11.68 -6.74
C VAL A 231 -5.04 10.18 -6.91
N GLU A 232 -4.16 9.62 -6.09
CA GLU A 232 -3.88 8.20 -6.07
C GLU A 232 -4.90 7.66 -5.08
N THR A 233 -5.73 6.71 -5.49
CA THR A 233 -6.74 6.17 -4.58
C THR A 233 -6.17 6.05 -3.17
N ARG A 234 -6.95 6.45 -2.16
CA ARG A 234 -6.46 6.43 -0.78
C ARG A 234 -7.40 5.79 0.21
N PRO A 235 -6.85 5.15 1.26
CA PRO A 235 -7.63 4.49 2.31
C PRO A 235 -8.18 5.45 3.36
N ALA A 236 -9.45 5.26 3.72
CA ALA A 236 -10.13 6.09 4.71
C ALA A 236 -9.88 5.63 6.16
N GLY A 237 -9.40 4.41 6.33
CA GLY A 237 -9.14 3.91 7.67
C GLY A 237 -10.13 2.91 8.20
N ASP A 238 -11.35 2.92 7.66
CA ASP A 238 -12.39 2.00 8.09
C ASP A 238 -12.51 0.81 7.14
N GLY A 239 -11.54 0.67 6.23
CA GLY A 239 -11.59 -0.45 5.31
C GLY A 239 -12.09 -0.15 3.91
N THR A 240 -12.40 1.11 3.65
CA THR A 240 -12.86 1.51 2.33
C THR A 240 -11.94 2.59 1.82
N PHE A 241 -12.20 3.06 0.61
CA PHE A 241 -11.35 4.08 0.03
C PHE A 241 -12.07 5.31 -0.51
N GLN A 242 -11.26 6.28 -0.87
CA GLN A 242 -11.75 7.52 -1.42
C GLN A 242 -10.88 7.84 -2.64
N LYS A 243 -11.29 8.86 -3.37
CA LYS A 243 -10.53 9.33 -4.50
C LYS A 243 -11.30 10.47 -5.10
N TRP A 244 -10.61 11.32 -5.82
CA TRP A 244 -11.30 12.40 -6.48
C TRP A 244 -10.55 12.83 -7.72
N ALA A 245 -11.27 13.50 -8.61
CA ALA A 245 -10.73 14.00 -9.86
C ALA A 245 -11.23 15.41 -9.92
N ALA A 246 -10.42 16.31 -10.46
CA ALA A 246 -10.85 17.68 -10.55
C ALA A 246 -10.53 18.23 -11.92
N VAL A 247 -11.38 19.13 -12.39
CA VAL A 247 -11.19 19.77 -13.69
C VAL A 247 -11.43 21.27 -13.53
N VAL A 248 -10.73 22.09 -14.31
CA VAL A 248 -10.91 23.53 -14.26
C VAL A 248 -11.77 23.81 -15.49
N VAL A 249 -12.83 24.59 -15.29
CA VAL A 249 -13.75 24.85 -16.39
C VAL A 249 -14.28 26.28 -16.38
N PRO A 250 -14.78 26.77 -17.55
CA PRO A 250 -15.31 28.13 -17.65
C PRO A 250 -16.66 28.32 -16.97
N LEU A 251 -16.96 29.57 -16.61
CA LEU A 251 -18.24 29.89 -15.99
C LEU A 251 -19.33 29.73 -17.05
N GLY A 252 -20.50 29.28 -16.63
CA GLY A 252 -21.59 29.09 -17.57
C GLY A 252 -21.34 28.00 -18.59
N LYS A 253 -20.46 27.05 -18.25
CA LYS A 253 -20.16 25.94 -19.13
C LYS A 253 -19.95 24.69 -18.29
N GLU A 254 -20.16 24.85 -16.99
CA GLU A 254 -20.01 23.78 -16.01
C GLU A 254 -20.84 22.56 -16.32
N GLN A 255 -22.03 22.79 -16.83
CA GLN A 255 -22.98 21.71 -17.16
C GLN A 255 -22.54 20.81 -18.32
N ASN A 256 -21.58 21.32 -19.10
CA ASN A 256 -21.01 20.66 -20.29
C ASN A 256 -20.01 19.60 -19.98
N TYR A 257 -19.79 19.35 -18.70
CA TYR A 257 -18.80 18.36 -18.27
C TYR A 257 -19.51 17.34 -17.42
N THR A 258 -19.11 16.10 -17.61
CA THR A 258 -19.67 15.00 -16.86
C THR A 258 -18.56 14.26 -16.14
N CYS A 259 -18.92 13.60 -15.04
CA CYS A 259 -17.98 12.81 -14.25
C CYS A 259 -18.47 11.36 -14.28
N HIS A 260 -17.61 10.46 -14.71
CA HIS A 260 -18.02 9.07 -14.80
C HIS A 260 -17.26 8.15 -13.86
N VAL A 261 -18.01 7.54 -12.94
CA VAL A 261 -17.50 6.62 -11.94
C VAL A 261 -17.79 5.18 -12.33
N HIS A 262 -16.75 4.37 -12.33
CA HIS A 262 -16.87 2.95 -12.67
C HIS A 262 -16.35 2.14 -11.49
N HIS A 263 -17.17 1.22 -11.01
CA HIS A 263 -16.77 0.40 -9.88
C HIS A 263 -17.42 -0.97 -9.95
N LYS A 264 -16.99 -1.87 -9.09
CA LYS A 264 -17.54 -3.23 -9.04
C LYS A 264 -18.94 -3.25 -8.42
N GLY A 265 -19.17 -2.36 -7.46
CA GLY A 265 -20.45 -2.32 -6.78
C GLY A 265 -21.56 -1.61 -7.52
N LEU A 266 -21.20 -0.86 -8.56
CA LEU A 266 -22.21 -0.14 -9.33
C LEU A 266 -22.61 -0.96 -10.55
N PRO A 267 -23.90 -1.35 -10.64
CA PRO A 267 -24.42 -2.15 -11.76
C PRO A 267 -24.36 -1.38 -13.08
N GLU A 268 -24.10 -0.09 -12.99
CA GLU A 268 -24.00 0.77 -14.15
C GLU A 268 -23.29 2.06 -13.75
N PRO A 269 -22.14 2.32 -14.36
CA PRO A 269 -21.34 3.52 -14.08
C PRO A 269 -22.17 4.75 -13.77
N LEU A 270 -21.71 5.56 -12.83
CA LEU A 270 -22.46 6.77 -12.48
C LEU A 270 -22.06 7.92 -13.38
N THR A 271 -22.84 8.98 -13.32
CA THR A 271 -22.55 10.17 -14.10
C THR A 271 -22.99 11.36 -13.26
N LEU A 272 -22.26 12.46 -13.37
CA LEU A 272 -22.63 13.63 -12.59
C LEU A 272 -22.40 14.92 -13.36
N ARG A 273 -23.31 15.87 -13.17
CA ARG A 273 -23.26 17.17 -13.81
C ARG A 273 -23.59 18.21 -12.75
N TRP A 274 -23.00 19.39 -12.83
CA TRP A 274 -23.26 20.40 -11.83
C TRP A 274 -24.48 21.25 -12.15
N LYS A 275 -24.92 22.02 -11.15
CA LYS A 275 -26.10 22.88 -11.24
C LYS A 275 -27.35 22.03 -11.23
N ILE B 2 17.62 4.01 -5.86
CA ILE B 2 17.54 5.50 -6.05
C ILE B 2 16.70 6.13 -4.93
N GLN B 3 16.12 7.30 -5.18
CA GLN B 3 15.33 7.96 -4.17
C GLN B 3 14.08 8.64 -4.71
N LYS B 4 12.92 8.05 -4.41
CA LYS B 4 11.64 8.59 -4.84
C LYS B 4 11.05 9.50 -3.79
N THR B 5 10.62 10.67 -4.22
CA THR B 5 10.03 11.65 -3.33
C THR B 5 8.70 11.16 -2.78
N PRO B 6 8.42 11.46 -1.51
CA PRO B 6 7.16 11.03 -0.92
C PRO B 6 5.96 11.85 -1.38
N GLN B 7 4.89 11.17 -1.73
CA GLN B 7 3.66 11.85 -2.11
C GLN B 7 2.82 11.87 -0.84
N ILE B 8 2.33 13.04 -0.45
CA ILE B 8 1.55 13.15 0.77
C ILE B 8 0.16 13.74 0.59
N GLN B 9 -0.83 12.98 1.04
CA GLN B 9 -2.22 13.42 1.00
C GLN B 9 -2.72 13.47 2.43
N VAL B 10 -3.35 14.59 2.79
CA VAL B 10 -3.88 14.79 4.12
C VAL B 10 -5.40 14.96 4.03
N TYR B 11 -6.15 14.04 4.62
CA TYR B 11 -7.60 14.09 4.52
C TYR B 11 -8.29 13.36 5.68
N SER B 12 -9.53 13.75 6.00
CA SER B 12 -10.25 13.11 7.09
C SER B 12 -11.03 11.87 6.61
N ARG B 13 -11.39 11.00 7.56
CA ARG B 13 -12.13 9.77 7.22
C ARG B 13 -13.53 10.07 6.70
N HIS B 14 -14.21 10.99 7.36
CA HIS B 14 -15.58 11.33 6.97
C HIS B 14 -15.68 12.82 6.64
N PRO B 15 -16.75 13.24 5.93
CA PRO B 15 -16.89 14.66 5.61
C PRO B 15 -16.95 15.38 6.96
N PRO B 16 -16.02 16.31 7.20
CA PRO B 16 -15.96 17.04 8.48
C PRO B 16 -17.19 17.86 8.86
N GLU B 17 -17.38 18.01 10.17
CA GLU B 17 -18.47 18.80 10.73
C GLU B 17 -17.97 19.38 12.05
N ASN B 18 -17.95 20.70 12.16
CA ASN B 18 -17.46 21.33 13.37
C ASN B 18 -18.01 20.65 14.61
N GLY B 19 -17.13 20.45 15.57
CA GLY B 19 -17.51 19.84 16.84
C GLY B 19 -17.76 18.35 16.81
N LYS B 20 -17.97 17.79 15.63
CA LYS B 20 -18.23 16.36 15.54
C LYS B 20 -16.94 15.55 15.40
N PRO B 21 -16.74 14.56 16.30
CA PRO B 21 -15.53 13.74 16.25
C PRO B 21 -15.36 13.10 14.87
N ASN B 22 -14.14 13.08 14.38
CA ASN B 22 -13.83 12.53 13.07
C ASN B 22 -12.44 11.91 13.19
N ILE B 23 -11.81 11.61 12.06
CA ILE B 23 -10.47 11.01 12.08
C ILE B 23 -9.59 11.57 10.98
N LEU B 24 -8.45 12.16 11.37
CA LEU B 24 -7.55 12.72 10.39
C LEU B 24 -6.50 11.72 9.96
N ASN B 25 -6.31 11.64 8.65
CA ASN B 25 -5.37 10.73 8.06
C ASN B 25 -4.34 11.48 7.24
N CYS B 26 -3.21 10.83 7.07
CA CYS B 26 -2.08 11.35 6.28
C CYS B 26 -1.55 10.14 5.54
N TYR B 27 -1.77 10.11 4.23
CA TYR B 27 -1.32 9.00 3.40
C TYR B 27 -0.01 9.42 2.70
N VAL B 28 1.06 8.70 2.99
CA VAL B 28 2.33 9.03 2.39
C VAL B 28 2.67 7.88 1.47
N THR B 29 2.94 8.20 0.20
CA THR B 29 3.21 7.14 -0.76
C THR B 29 4.26 7.44 -1.81
N GLN B 30 4.77 6.38 -2.41
CA GLN B 30 5.76 6.49 -3.48
C GLN B 30 7.11 7.06 -3.02
N PHE B 31 7.53 6.69 -1.82
CA PHE B 31 8.80 7.18 -1.33
C PHE B 31 9.80 6.05 -1.20
N HIS B 32 11.07 6.42 -1.27
CA HIS B 32 12.14 5.48 -1.15
C HIS B 32 13.45 6.23 -0.94
N PRO B 33 14.27 5.78 0.01
CA PRO B 33 14.11 4.62 0.89
C PRO B 33 12.90 4.62 1.84
N PRO B 34 12.75 3.53 2.64
CA PRO B 34 11.65 3.38 3.59
C PRO B 34 11.81 4.23 4.87
N HIS B 35 13.00 4.77 5.08
CA HIS B 35 13.26 5.63 6.22
C HIS B 35 12.37 6.86 6.05
N ILE B 36 11.50 7.13 7.01
CA ILE B 36 10.65 8.30 6.88
C ILE B 36 10.10 8.75 8.22
N GLU B 37 9.83 10.04 8.33
CA GLU B 37 9.32 10.57 9.57
C GLU B 37 8.03 11.35 9.33
N ILE B 38 6.90 10.75 9.71
CA ILE B 38 5.60 11.39 9.55
C ILE B 38 5.15 11.88 10.91
N GLN B 39 4.69 13.12 10.96
CA GLN B 39 4.28 13.73 12.20
C GLN B 39 3.00 14.51 11.93
N MET B 40 1.91 14.12 12.58
CA MET B 40 0.66 14.85 12.41
C MET B 40 0.66 15.99 13.45
N LEU B 41 0.22 17.17 13.05
CA LEU B 41 0.22 18.31 13.97
C LEU B 41 -1.15 18.99 14.08
N LYS B 42 -1.32 19.73 15.17
CA LYS B 42 -2.54 20.48 15.40
C LYS B 42 -2.08 21.87 15.85
N ASN B 43 -2.46 22.88 15.07
CA ASN B 43 -2.11 24.25 15.39
C ASN B 43 -0.61 24.41 15.61
N GLY B 44 0.17 23.73 14.76
CA GLY B 44 1.61 23.82 14.84
C GLY B 44 2.24 22.81 15.78
N LYS B 45 1.45 22.36 16.78
CA LYS B 45 1.92 21.37 17.77
C LYS B 45 1.76 19.95 17.31
N LYS B 46 2.62 19.10 17.83
CA LYS B 46 2.60 17.68 17.50
C LYS B 46 1.50 17.02 18.32
N ILE B 47 0.71 16.18 17.67
CA ILE B 47 -0.34 15.46 18.36
C ILE B 47 0.24 14.09 18.68
N PRO B 48 0.45 13.79 19.97
CA PRO B 48 1.01 12.54 20.46
C PRO B 48 0.29 11.22 20.12
N LYS B 49 -1.02 11.17 20.31
CA LYS B 49 -1.74 9.92 20.06
C LYS B 49 -1.96 9.58 18.59
N VAL B 50 -0.89 9.51 17.81
CA VAL B 50 -1.02 9.16 16.40
C VAL B 50 -0.60 7.71 16.20
N GLU B 51 -1.33 7.01 15.33
CA GLU B 51 -1.03 5.61 15.07
C GLU B 51 -0.63 5.42 13.62
N MET B 52 0.16 4.37 13.37
CA MET B 52 0.65 4.06 12.03
C MET B 52 0.23 2.67 11.54
N SER B 53 -0.03 2.57 10.25
CA SER B 53 -0.38 1.29 9.67
C SER B 53 1.00 0.67 9.42
N ASP B 54 1.04 -0.63 9.18
CA ASP B 54 2.32 -1.27 8.92
C ASP B 54 2.90 -0.72 7.62
N MET B 55 4.22 -0.65 7.56
CA MET B 55 4.92 -0.14 6.39
C MET B 55 4.77 -1.19 5.28
N SER B 56 4.51 -0.74 4.07
CA SER B 56 4.35 -1.67 2.96
C SER B 56 4.58 -0.94 1.65
N PHE B 57 4.99 -1.68 0.63
CA PHE B 57 5.25 -1.07 -0.66
C PHE B 57 4.20 -1.49 -1.68
N SER B 58 4.29 -0.92 -2.88
CA SER B 58 3.38 -1.24 -3.97
C SER B 58 4.15 -2.10 -4.98
N LYS B 59 3.47 -2.56 -6.02
CA LYS B 59 4.12 -3.41 -7.01
C LYS B 59 5.37 -2.75 -7.58
N ASP B 60 5.30 -1.46 -7.90
CA ASP B 60 6.46 -0.80 -8.45
C ASP B 60 7.58 -0.68 -7.43
N TRP B 61 7.38 -1.28 -6.27
CA TRP B 61 8.37 -1.28 -5.19
C TRP B 61 8.40 -0.05 -4.26
N SER B 62 7.70 1.02 -4.61
CA SER B 62 7.73 2.22 -3.75
C SER B 62 6.89 1.99 -2.49
N PHE B 63 7.42 2.42 -1.35
CA PHE B 63 6.74 2.23 -0.07
C PHE B 63 5.57 3.16 0.13
N TYR B 64 4.70 2.77 1.04
CA TYR B 64 3.52 3.57 1.36
C TYR B 64 3.17 3.26 2.81
N ILE B 65 2.65 4.26 3.52
CA ILE B 65 2.27 4.12 4.93
C ILE B 65 1.17 5.14 5.20
N LEU B 66 0.46 4.98 6.31
CA LEU B 66 -0.63 5.88 6.64
C LEU B 66 -0.66 6.22 8.12
N ALA B 67 -0.85 7.50 8.43
CA ALA B 67 -0.94 7.93 9.82
C ALA B 67 -2.36 8.45 10.09
N HIS B 68 -2.84 8.21 11.30
CA HIS B 68 -4.17 8.68 11.65
C HIS B 68 -4.29 9.06 13.11
N THR B 69 -5.40 9.71 13.43
CA THR B 69 -5.66 10.11 14.79
C THR B 69 -7.08 10.60 14.97
N GLU B 70 -7.49 10.65 16.22
CA GLU B 70 -8.82 11.11 16.61
C GLU B 70 -8.75 12.63 16.63
N PHE B 71 -9.81 13.29 16.15
CA PHE B 71 -9.87 14.74 16.18
C PHE B 71 -11.27 15.29 15.90
N THR B 72 -11.62 16.32 16.66
CA THR B 72 -12.90 17.01 16.52
C THR B 72 -12.57 18.36 15.91
N PRO B 73 -12.77 18.48 14.59
CA PRO B 73 -12.52 19.70 13.83
C PRO B 73 -13.35 20.92 14.24
N THR B 74 -12.70 22.08 14.17
CA THR B 74 -13.31 23.36 14.51
C THR B 74 -12.98 24.34 13.39
N GLU B 75 -13.48 25.56 13.51
CA GLU B 75 -13.23 26.61 12.51
C GLU B 75 -11.92 27.31 12.82
N THR B 76 -11.36 26.99 13.97
CA THR B 76 -10.14 27.64 14.41
C THR B 76 -8.86 26.82 14.33
N ASP B 77 -8.95 25.52 14.59
CA ASP B 77 -7.76 24.68 14.56
C ASP B 77 -7.28 24.30 13.17
N THR B 78 -5.95 24.24 13.04
CA THR B 78 -5.30 23.86 11.80
C THR B 78 -4.69 22.51 12.08
N TYR B 79 -4.54 21.71 11.03
CA TYR B 79 -3.96 20.38 11.16
C TYR B 79 -3.00 20.22 9.99
N ALA B 80 -1.98 19.39 10.17
CA ALA B 80 -1.00 19.19 9.11
C ALA B 80 -0.15 17.96 9.35
N CYS B 81 0.53 17.50 8.30
CA CYS B 81 1.38 16.33 8.38
C CYS B 81 2.79 16.73 7.94
N ARG B 82 3.74 16.72 8.87
CA ARG B 82 5.10 17.09 8.51
C ARG B 82 5.82 15.78 8.21
N VAL B 83 6.40 15.71 7.02
CA VAL B 83 7.12 14.51 6.59
C VAL B 83 8.57 14.81 6.18
N LYS B 84 9.49 14.06 6.76
CA LYS B 84 10.91 14.22 6.49
C LYS B 84 11.39 12.97 5.77
N HIS B 85 12.09 13.18 4.65
CA HIS B 85 12.62 12.09 3.84
C HIS B 85 13.86 12.49 3.06
N ASP B 86 14.82 11.57 2.97
CA ASP B 86 16.08 11.79 2.26
C ASP B 86 15.94 12.38 0.87
N SER B 87 14.91 11.94 0.14
CA SER B 87 14.68 12.44 -1.22
C SER B 87 14.55 13.94 -1.24
N MET B 88 14.25 14.53 -0.08
CA MET B 88 14.08 15.97 0.00
C MET B 88 15.19 16.67 0.77
N ALA B 89 15.24 17.99 0.63
CA ALA B 89 16.22 18.82 1.33
C ALA B 89 15.66 19.19 2.69
N GLU B 90 14.42 19.66 2.71
CA GLU B 90 13.74 20.07 3.94
C GLU B 90 12.52 19.21 4.21
N PRO B 91 12.01 19.25 5.46
CA PRO B 91 10.82 18.43 5.71
C PRO B 91 9.67 19.09 4.97
N LYS B 92 8.76 18.29 4.44
CA LYS B 92 7.62 18.83 3.72
C LYS B 92 6.41 18.72 4.63
N THR B 93 5.60 19.78 4.67
CA THR B 93 4.41 19.85 5.50
C THR B 93 3.21 20.09 4.61
N VAL B 94 2.07 19.50 4.99
CA VAL B 94 0.85 19.64 4.20
C VAL B 94 -0.35 19.80 5.12
N TYR B 95 -0.99 20.97 5.02
CA TYR B 95 -2.15 21.28 5.84
C TYR B 95 -3.41 20.65 5.27
N TRP B 96 -4.29 20.21 6.16
CA TRP B 96 -5.55 19.60 5.73
C TRP B 96 -6.51 20.68 5.20
N ASP B 97 -7.13 20.43 4.07
CA ASP B 97 -8.10 21.39 3.53
C ASP B 97 -9.45 20.72 3.63
N ARG B 98 -10.45 21.44 4.12
CA ARG B 98 -11.78 20.87 4.26
C ARG B 98 -12.36 20.37 2.93
N ASP B 99 -11.93 20.97 1.83
CA ASP B 99 -12.43 20.60 0.50
C ASP B 99 -11.53 19.64 -0.31
N MET B 100 -10.46 19.16 0.32
CA MET B 100 -9.51 18.26 -0.32
C MET B 100 -9.55 16.83 0.25
N THR C 1 -0.91 -17.79 4.45
CA THR C 1 0.21 -18.35 5.29
C THR C 1 1.57 -17.89 4.76
N TYR C 2 2.37 -17.33 5.65
CA TYR C 2 3.71 -16.84 5.35
C TYR C 2 4.62 -17.98 4.90
N GLN C 3 5.49 -17.72 3.94
CA GLN C 3 6.40 -18.77 3.49
C GLN C 3 7.86 -18.35 3.56
N ARG C 4 8.66 -19.20 4.21
CA ARG C 4 10.10 -18.97 4.38
C ARG C 4 10.83 -18.87 3.05
N THR C 5 11.90 -18.08 3.03
CA THR C 5 12.71 -17.99 1.82
C THR C 5 13.60 -19.20 2.04
N ARG C 6 14.28 -19.67 0.99
CA ARG C 6 15.14 -20.83 1.14
C ARG C 6 16.61 -20.48 1.05
N ALA C 7 17.19 -20.76 -0.11
CA ALA C 7 18.59 -20.47 -0.37
C ALA C 7 18.79 -18.99 -0.16
N LEU C 8 20.04 -18.60 0.07
CA LEU C 8 20.37 -17.19 0.29
C LEU C 8 20.98 -16.55 -0.95
N VAL C 9 20.76 -15.26 -1.11
CA VAL C 9 21.29 -14.54 -2.27
C VAL C 9 22.81 -14.72 -2.42
#